data_7CC9
#
_entry.id   7CC9
#
_cell.length_a   154.496
_cell.length_b   154.496
_cell.length_c   156.802
_cell.angle_alpha   90.000
_cell.angle_beta   90.000
_cell.angle_gamma   120.000
#
_symmetry.space_group_name_H-M   'P 61 2 2'
#
loop_
_entity.id
_entity.type
_entity.pdbx_description
1 polymer 'HNHc domain-containing protein'
2 polymer "DNA (5'-D(*GP*GP*CP*GP*GS*CP*CP*C)-3')"
3 polymer "DNA (5'-D(*GP*GP*GP*CP*CP*GP*CP*C)-3')"
4 non-polymer 'SULFATE ION'
5 non-polymer 'ACETATE ION'
6 non-polymer GLYCEROL
7 water water
#
loop_
_entity_poly.entity_id
_entity_poly.type
_entity_poly.pdbx_seq_one_letter_code
_entity_poly.pdbx_strand_id
1 'polypeptide(L)'
;LTDTDRSEDFLRRVRGLKAARTANGPRLYQPITLLWAVGRARRGEARTLAWADTDEAIGALLKRHGARGERPRPDYPVLA
LHRAGLWTLEGHVGEVPTAHGDSALRNWFAEQRPVGGLAEPFHDLLHRSGHSRVSVIEALLTTYFAGLDPVPLLEDTGLY
DEG
;
A,B,C
2 'polydeoxyribonucleotide' (DG)(DG)(DC)(DG)(GS)(DC)(DC)(DC) D,F,H
3 'polydeoxyribonucleotide' (DG)(DG)(DG)(DC)(DC)(DG)(DC)(DC) E,G,I
#
# COMPACT_ATOMS: atom_id res chain seq x y z
CA LEU A 1 37.31 -1.10 0.90
C LEU A 1 36.27 -2.20 0.66
N THR A 2 35.62 -2.64 1.74
CA THR A 2 34.66 -3.73 1.60
C THR A 2 33.39 -3.29 0.90
N ASP A 3 33.06 -1.99 0.91
CA ASP A 3 31.99 -1.51 0.06
C ASP A 3 32.30 -1.76 -1.41
N THR A 4 33.48 -1.33 -1.85
CA THR A 4 33.90 -1.60 -3.22
C THR A 4 34.12 -3.10 -3.43
N ASP A 5 34.65 -3.78 -2.41
CA ASP A 5 34.83 -5.23 -2.50
C ASP A 5 33.51 -5.97 -2.55
N ARG A 6 32.54 -5.58 -1.70
CA ARG A 6 31.24 -6.25 -1.72
C ARG A 6 30.44 -5.90 -2.95
N SER A 7 30.50 -4.64 -3.40
CA SER A 7 29.75 -4.23 -4.57
C SER A 7 30.18 -5.01 -5.81
N GLU A 8 31.49 -5.18 -6.00
CA GLU A 8 31.97 -5.93 -7.15
C GLU A 8 31.55 -7.39 -7.07
N ASP A 9 31.62 -7.98 -5.87
CA ASP A 9 31.14 -9.35 -5.69
C ASP A 9 29.64 -9.46 -5.95
N PHE A 10 28.88 -8.47 -5.48
CA PHE A 10 27.44 -8.46 -5.71
C PHE A 10 27.12 -8.39 -7.20
N LEU A 11 27.72 -7.42 -7.90
CA LEU A 11 27.46 -7.25 -9.32
C LEU A 11 27.95 -8.45 -10.13
N ARG A 12 29.00 -9.12 -9.66
CA ARG A 12 29.49 -10.31 -10.34
C ARG A 12 28.48 -11.46 -10.23
N ARG A 13 27.88 -11.65 -9.06
CA ARG A 13 26.89 -12.71 -8.90
C ARG A 13 25.65 -12.42 -9.75
N VAL A 14 25.27 -11.15 -9.85
CA VAL A 14 24.10 -10.79 -10.66
C VAL A 14 24.38 -11.06 -12.13
N ARG A 15 25.58 -10.73 -12.61
CA ARG A 15 25.88 -10.94 -14.02
C ARG A 15 26.05 -12.42 -14.35
N GLY A 16 26.40 -13.24 -13.35
CA GLY A 16 26.49 -14.66 -13.57
C GLY A 16 25.16 -15.41 -13.58
N LEU A 17 24.05 -14.71 -13.34
CA LEU A 17 22.75 -15.36 -13.35
C LEU A 17 22.40 -15.85 -14.74
N LYS A 18 21.79 -17.03 -14.81
CA LYS A 18 21.32 -17.63 -16.07
C LYS A 18 19.81 -17.80 -16.00
N ALA A 19 19.08 -16.78 -16.46
CA ALA A 19 17.62 -16.87 -16.52
C ALA A 19 17.15 -17.77 -17.65
N ALA A 20 16.00 -18.41 -17.45
CA ALA A 20 15.33 -19.12 -18.51
C ALA A 20 14.96 -18.16 -19.63
N ARG A 21 14.87 -18.69 -20.85
CA ARG A 21 14.66 -17.88 -22.04
C ARG A 21 13.28 -18.15 -22.63
N THR A 22 12.61 -17.09 -23.05
CA THR A 22 11.48 -17.24 -23.96
C THR A 22 11.93 -17.04 -25.40
N ALA A 23 11.06 -17.06 -26.34
CA ALA A 23 11.51 -16.87 -27.70
C ALA A 23 12.09 -15.50 -27.95
N ASN A 24 11.58 -14.50 -27.25
CA ASN A 24 12.04 -13.12 -27.45
C ASN A 24 12.86 -12.47 -26.34
N GLY A 25 13.30 -13.26 -25.36
CA GLY A 25 14.08 -12.70 -24.29
C GLY A 25 14.08 -13.50 -23.02
N PRO A 26 14.90 -13.10 -22.07
CA PRO A 26 14.92 -13.84 -20.81
C PRO A 26 13.66 -13.56 -19.99
N ARG A 27 13.25 -14.57 -19.24
CA ARG A 27 12.13 -14.43 -18.33
C ARG A 27 12.51 -13.47 -17.20
N LEU A 28 11.49 -12.83 -16.63
CA LEU A 28 11.69 -11.68 -15.76
C LEU A 28 11.66 -12.02 -14.27
N TYR A 29 11.65 -13.31 -13.92
CA TYR A 29 11.53 -13.71 -12.52
C TYR A 29 12.66 -13.13 -11.68
N GLN A 30 13.90 -13.34 -12.12
CA GLN A 30 15.05 -12.93 -11.31
C GLN A 30 15.21 -11.42 -11.22
N PRO A 31 15.11 -10.64 -12.32
CA PRO A 31 15.25 -9.17 -12.15
C PRO A 31 14.12 -8.56 -11.33
N ILE A 32 12.88 -9.05 -11.47
CA ILE A 32 11.79 -8.51 -10.67
C ILE A 32 12.00 -8.82 -9.19
N THR A 33 12.45 -10.05 -8.89
CA THR A 33 12.77 -10.39 -7.51
C THR A 33 13.87 -9.48 -6.96
N LEU A 34 14.94 -9.28 -7.74
CA LEU A 34 16.06 -8.47 -7.26
C LEU A 34 15.64 -7.02 -7.04
N LEU A 35 14.90 -6.44 -7.98
CA LEU A 35 14.49 -5.05 -7.83
C LEU A 35 13.54 -4.86 -6.65
N TRP A 36 12.72 -5.87 -6.37
CA TRP A 36 11.92 -5.84 -5.14
C TRP A 36 12.83 -5.75 -3.92
N ALA A 37 13.88 -6.57 -3.88
CA ALA A 37 14.81 -6.56 -2.76
C ALA A 37 15.61 -5.27 -2.71
N VAL A 38 15.98 -4.72 -3.88
CA VAL A 38 16.74 -3.47 -3.89
C VAL A 38 15.91 -2.34 -3.27
N GLY A 39 14.64 -2.25 -3.63
CA GLY A 39 13.78 -1.26 -3.02
C GLY A 39 13.67 -1.43 -1.52
N ARG A 40 13.54 -2.67 -1.06
CA ARG A 40 13.47 -2.93 0.38
C ARG A 40 14.76 -2.55 1.07
N ALA A 41 15.90 -2.81 0.43
CA ALA A 41 17.17 -2.41 1.01
C ALA A 41 17.30 -0.90 1.08
N ARG A 42 16.88 -0.20 0.03
CA ARG A 42 16.95 1.27 0.02
C ARG A 42 16.16 1.87 1.18
N ARG A 43 14.93 1.41 1.39
CA ARG A 43 14.07 1.99 2.41
C ARG A 43 14.32 1.43 3.80
N GLY A 44 15.24 0.48 3.96
CA GLY A 44 15.49 -0.08 5.27
C GLY A 44 14.37 -0.95 5.79
N GLU A 45 13.61 -1.58 4.90
CA GLU A 45 12.54 -2.47 5.32
C GLU A 45 13.13 -3.79 5.81
N ALA A 46 12.27 -4.63 6.38
CA ALA A 46 12.74 -5.87 6.98
C ALA A 46 13.41 -6.75 5.95
N ARG A 47 14.70 -7.05 6.17
CA ARG A 47 15.43 -7.91 5.27
C ARG A 47 14.90 -9.34 5.32
N THR A 48 14.77 -9.88 6.52
CA THR A 48 14.29 -11.25 6.68
C THR A 48 12.77 -11.17 6.81
N LEU A 49 12.06 -11.90 5.94
CA LEU A 49 10.62 -11.86 5.89
C LEU A 49 10.06 -13.28 5.77
N ALA A 50 8.89 -13.49 6.36
CA ALA A 50 8.21 -14.77 6.23
C ALA A 50 7.88 -15.06 4.77
N TRP A 51 7.78 -16.36 4.45
CA TRP A 51 7.57 -16.74 3.05
C TRP A 51 6.21 -16.26 2.55
N ALA A 52 5.17 -16.34 3.39
CA ALA A 52 3.84 -15.95 2.96
C ALA A 52 3.81 -14.51 2.49
N ASP A 53 4.52 -13.62 3.19
CA ASP A 53 4.57 -12.22 2.77
C ASP A 53 5.48 -12.02 1.57
N THR A 54 6.60 -12.76 1.52
CA THR A 54 7.48 -12.67 0.37
C THR A 54 6.80 -13.18 -0.89
N ASP A 55 6.15 -14.34 -0.79
CA ASP A 55 5.45 -14.92 -1.92
C ASP A 55 4.37 -14.00 -2.46
N GLU A 56 3.59 -13.38 -1.56
CA GLU A 56 2.52 -12.50 -2.02
C GLU A 56 3.07 -11.22 -2.64
N ALA A 57 4.12 -10.65 -2.05
CA ALA A 57 4.66 -9.39 -2.55
C ALA A 57 5.32 -9.58 -3.91
N ILE A 58 6.17 -10.59 -4.06
CA ILE A 58 6.82 -10.84 -5.35
C ILE A 58 5.78 -11.30 -6.37
N GLY A 59 4.85 -12.17 -5.95
CA GLY A 59 3.82 -12.63 -6.87
C GLY A 59 3.03 -11.49 -7.48
N ALA A 60 2.70 -10.48 -6.67
CA ALA A 60 1.95 -9.34 -7.19
C ALA A 60 2.74 -8.56 -8.24
N LEU A 61 4.06 -8.44 -8.05
CA LEU A 61 4.89 -7.80 -9.06
C LEU A 61 4.98 -8.67 -10.31
N LEU A 62 5.06 -9.99 -10.13
CA LEU A 62 5.05 -10.92 -11.26
C LEU A 62 3.77 -10.79 -12.07
N LYS A 63 2.60 -10.73 -11.40
CA LYS A 63 1.34 -10.60 -12.11
C LYS A 63 1.29 -9.30 -12.91
N ARG A 64 1.64 -8.18 -12.26
CA ARG A 64 1.49 -6.88 -12.88
C ARG A 64 2.56 -6.60 -13.93
N HIS A 65 3.80 -7.02 -13.68
CA HIS A 65 4.92 -6.61 -14.52
C HIS A 65 5.59 -7.78 -15.22
N GLY A 66 4.96 -8.96 -15.21
CA GLY A 66 5.50 -10.10 -15.92
C GLY A 66 5.26 -9.97 -17.40
N ALA A 67 6.06 -9.12 -18.06
CA ALA A 67 5.82 -8.74 -19.45
C ALA A 67 6.12 -9.85 -20.45
N ARG A 68 6.74 -10.94 -20.02
CA ARG A 68 6.98 -12.08 -20.91
C ARG A 68 6.19 -13.32 -20.47
N GLY A 69 5.00 -13.10 -19.89
CA GLY A 69 4.12 -14.20 -19.55
C GLY A 69 4.47 -14.95 -18.28
N GLU A 70 5.20 -14.33 -17.37
CA GLU A 70 5.59 -15.00 -16.13
C GLU A 70 4.38 -15.42 -15.32
N ARG A 71 4.50 -16.56 -14.65
CA ARG A 71 3.49 -16.97 -13.68
C ARG A 71 3.80 -16.31 -12.35
N PRO A 72 2.78 -16.13 -11.49
CA PRO A 72 3.07 -15.59 -10.15
C PRO A 72 3.67 -16.65 -9.25
N ARG A 73 4.92 -17.02 -9.52
CA ARG A 73 5.60 -18.10 -8.79
C ARG A 73 6.98 -17.63 -8.37
N PRO A 74 7.06 -16.93 -7.24
CA PRO A 74 8.36 -16.45 -6.73
C PRO A 74 9.29 -17.57 -6.29
N ASP A 75 8.80 -18.81 -6.17
CA ASP A 75 9.68 -19.90 -5.75
C ASP A 75 10.80 -20.12 -6.76
N TYR A 76 10.53 -19.94 -8.05
CA TYR A 76 11.59 -20.08 -9.05
C TYR A 76 12.74 -19.11 -8.83
N PRO A 77 12.54 -17.78 -8.87
CA PRO A 77 13.69 -16.88 -8.76
C PRO A 77 14.34 -16.90 -7.39
N VAL A 78 13.57 -17.11 -6.31
CA VAL A 78 14.17 -17.15 -4.98
C VAL A 78 15.17 -18.29 -4.88
N LEU A 79 14.80 -19.49 -5.38
CA LEU A 79 15.71 -20.62 -5.36
C LEU A 79 16.93 -20.37 -6.23
N ALA A 80 16.74 -19.76 -7.39
CA ALA A 80 17.87 -19.46 -8.26
C ALA A 80 18.80 -18.44 -7.63
N LEU A 81 18.22 -17.41 -6.99
CA LEU A 81 19.05 -16.41 -6.33
C LEU A 81 19.77 -16.98 -5.11
N HIS A 82 19.15 -17.94 -4.42
CA HIS A 82 19.85 -18.60 -3.32
C HIS A 82 21.05 -19.39 -3.81
N ARG A 83 20.89 -20.14 -4.90
CA ARG A 83 22.01 -20.90 -5.43
C ARG A 83 23.15 -19.99 -5.87
N ALA A 84 22.84 -18.76 -6.30
CA ALA A 84 23.87 -17.81 -6.70
C ALA A 84 24.53 -17.12 -5.51
N GLY A 85 24.12 -17.43 -4.28
CA GLY A 85 24.65 -16.76 -3.12
C GLY A 85 24.15 -15.35 -2.90
N LEU A 86 23.03 -14.99 -3.52
CA LEU A 86 22.44 -13.66 -3.36
C LEU A 86 21.29 -13.64 -2.37
N TRP A 87 20.76 -14.79 -1.99
CA TRP A 87 19.55 -14.88 -1.19
C TRP A 87 19.80 -15.82 -0.02
N THR A 88 19.25 -15.47 1.14
CA THR A 88 19.36 -16.30 2.34
C THR A 88 18.00 -16.90 2.65
N LEU A 89 18.01 -18.17 3.05
CA LEU A 89 16.82 -18.86 3.52
C LEU A 89 17.14 -19.56 4.83
N GLU A 90 16.33 -19.33 5.85
CA GLU A 90 16.54 -19.86 7.18
C GLU A 90 15.27 -20.52 7.68
N GLY A 91 15.42 -21.50 8.57
CA GLY A 91 14.29 -22.18 9.16
C GLY A 91 13.83 -23.41 8.43
N HIS A 92 14.65 -23.99 7.57
CA HIS A 92 14.30 -25.17 6.80
C HIS A 92 15.20 -26.33 7.18
N VAL A 93 14.67 -27.54 7.07
CA VAL A 93 15.48 -28.74 7.25
C VAL A 93 16.08 -29.12 5.91
N GLY A 94 17.24 -29.79 5.96
CA GLY A 94 17.85 -30.30 4.75
C GLY A 94 18.41 -29.21 3.84
N GLU A 95 18.67 -29.62 2.60
CA GLU A 95 19.27 -28.74 1.61
C GLU A 95 18.18 -27.98 0.84
N VAL A 96 18.56 -26.82 0.34
CA VAL A 96 17.65 -26.02 -0.48
C VAL A 96 17.67 -26.55 -1.91
N PRO A 97 16.50 -26.83 -2.49
CA PRO A 97 16.48 -27.38 -3.86
C PRO A 97 16.82 -26.32 -4.90
N THR A 98 17.20 -26.80 -6.08
CA THR A 98 17.39 -25.95 -7.23
C THR A 98 16.04 -25.51 -7.79
N ALA A 99 16.06 -24.50 -8.65
CA ALA A 99 14.85 -24.03 -9.30
C ALA A 99 14.45 -24.90 -10.50
N HIS A 100 14.69 -26.18 -10.46
CA HIS A 100 14.36 -27.11 -11.51
C HIS A 100 13.16 -27.97 -11.11
N GLY A 101 12.14 -28.00 -11.94
CA GLY A 101 10.92 -28.72 -11.69
C GLY A 101 9.73 -27.80 -11.64
N ASP A 102 8.77 -28.14 -10.78
CA ASP A 102 7.58 -27.32 -10.63
C ASP A 102 6.92 -27.62 -9.28
N SER A 103 6.21 -28.74 -9.18
CA SER A 103 5.43 -29.02 -7.98
C SER A 103 6.31 -29.23 -6.76
N ALA A 104 7.50 -29.82 -6.94
CA ALA A 104 8.39 -30.03 -5.80
C ALA A 104 8.87 -28.71 -5.22
N LEU A 105 9.00 -27.68 -6.07
CA LEU A 105 9.39 -26.37 -5.57
C LEU A 105 8.29 -25.76 -4.71
N ARG A 106 7.04 -25.80 -5.19
CA ARG A 106 5.93 -25.25 -4.41
C ARG A 106 5.74 -26.04 -3.12
N ASN A 107 5.84 -27.36 -3.19
CA ASN A 107 5.63 -28.17 -1.99
C ASN A 107 6.73 -27.93 -0.96
N TRP A 108 7.97 -27.69 -1.42
CA TRP A 108 9.06 -27.43 -0.50
C TRP A 108 8.82 -26.14 0.28
N PHE A 109 8.42 -25.08 -0.40
CA PHE A 109 8.15 -23.82 0.29
C PHE A 109 6.93 -23.94 1.19
N ALA A 110 5.92 -24.70 0.77
CA ALA A 110 4.74 -24.88 1.62
C ALA A 110 5.07 -25.67 2.88
N GLU A 111 5.96 -26.64 2.78
CA GLU A 111 6.31 -27.47 3.95
C GLU A 111 7.34 -26.77 4.83
N GLN A 112 8.40 -26.22 4.23
CA GLN A 112 9.48 -25.63 5.01
C GLN A 112 9.17 -24.21 5.46
N ARG A 113 8.38 -23.47 4.69
CA ARG A 113 8.03 -22.07 4.93
C ARG A 113 9.24 -21.28 5.40
N PRO A 114 10.33 -21.24 4.64
CA PRO A 114 11.56 -20.60 5.13
C PRO A 114 11.38 -19.09 5.25
N VAL A 115 12.10 -18.53 6.21
CA VAL A 115 12.20 -17.09 6.36
C VAL A 115 13.50 -16.64 5.69
N GLY A 116 13.46 -15.51 5.01
CA GLY A 116 14.66 -15.08 4.31
C GLY A 116 14.49 -13.79 3.56
N GLY A 117 15.49 -13.50 2.75
CA GLY A 117 15.54 -12.29 1.96
C GLY A 117 16.93 -12.16 1.35
N LEU A 118 17.16 -11.01 0.70
CA LEU A 118 18.48 -10.73 0.15
C LEU A 118 19.55 -10.91 1.22
N ALA A 119 20.69 -11.46 0.81
CA ALA A 119 21.74 -11.76 1.77
C ALA A 119 22.18 -10.49 2.50
N GLU A 120 22.48 -10.65 3.79
CA GLU A 120 22.77 -9.50 4.66
C GLU A 120 23.85 -8.57 4.13
N PRO A 121 25.01 -9.03 3.65
CA PRO A 121 26.00 -8.07 3.16
C PRO A 121 25.53 -7.24 1.99
N PHE A 122 24.71 -7.82 1.11
CA PHE A 122 24.23 -7.08 -0.06
C PHE A 122 23.08 -6.14 0.31
N HIS A 123 22.20 -6.59 1.20
CA HIS A 123 21.13 -5.72 1.69
C HIS A 123 21.73 -4.46 2.32
N ASP A 124 22.68 -4.65 3.24
CA ASP A 124 23.34 -3.51 3.88
C ASP A 124 24.05 -2.64 2.87
N LEU A 125 24.72 -3.25 1.88
CA LEU A 125 25.42 -2.49 0.85
C LEU A 125 24.45 -1.58 0.12
N LEU A 126 23.33 -2.13 -0.34
CA LEU A 126 22.38 -1.35 -1.12
C LEU A 126 21.63 -0.34 -0.25
N HIS A 127 21.51 -0.58 1.05
CA HIS A 127 20.94 0.44 1.93
C HIS A 127 21.85 1.64 2.03
N ARG A 128 23.15 1.42 2.10
CA ARG A 128 24.12 2.49 2.34
C ARG A 128 24.57 3.17 1.05
N SER A 129 24.68 2.44 -0.05
CA SER A 129 25.33 2.93 -1.26
C SER A 129 24.29 3.16 -2.36
N GLY A 130 24.00 4.42 -2.65
CA GLY A 130 23.15 4.74 -3.78
C GLY A 130 23.82 4.41 -5.10
N HIS A 131 25.15 4.44 -5.15
CA HIS A 131 25.86 4.08 -6.38
C HIS A 131 25.71 2.60 -6.68
N SER A 132 25.73 1.75 -5.65
CA SER A 132 25.53 0.33 -5.88
C SER A 132 24.12 0.04 -6.38
N ARG A 133 23.13 0.77 -5.87
CA ARG A 133 21.76 0.58 -6.35
C ARG A 133 21.65 0.96 -7.82
N VAL A 134 22.17 2.14 -8.17
CA VAL A 134 22.10 2.59 -9.57
C VAL A 134 22.83 1.60 -10.48
N SER A 135 23.96 1.05 -10.01
CA SER A 135 24.73 0.12 -10.83
C SER A 135 23.93 -1.13 -11.14
N VAL A 136 23.33 -1.75 -10.13
CA VAL A 136 22.63 -3.01 -10.37
C VAL A 136 21.31 -2.78 -11.10
N ILE A 137 20.66 -1.63 -10.87
CA ILE A 137 19.42 -1.34 -11.60
C ILE A 137 19.70 -1.22 -13.09
N GLU A 138 20.74 -0.44 -13.45
CA GLU A 138 21.10 -0.30 -14.85
C GLU A 138 21.49 -1.64 -15.48
N ALA A 139 22.26 -2.45 -14.76
CA ALA A 139 22.66 -3.75 -15.29
C ALA A 139 21.45 -4.66 -15.51
N LEU A 140 20.52 -4.68 -14.57
CA LEU A 140 19.34 -5.53 -14.72
C LEU A 140 18.43 -5.02 -15.84
N LEU A 141 18.32 -3.70 -15.98
CA LEU A 141 17.49 -3.14 -17.03
C LEU A 141 18.09 -3.44 -18.40
N THR A 142 19.43 -3.37 -18.50
CA THR A 142 20.11 -3.68 -19.75
C THR A 142 19.92 -5.13 -20.15
N THR A 143 20.12 -6.05 -19.21
CA THR A 143 20.08 -7.48 -19.52
C THR A 143 18.66 -7.94 -19.84
N TYR A 144 17.67 -7.49 -19.07
CA TYR A 144 16.36 -8.14 -19.06
C TYR A 144 15.24 -7.32 -19.68
N PHE A 145 15.40 -6.02 -19.85
CA PHE A 145 14.28 -5.18 -20.29
C PHE A 145 14.55 -4.50 -21.61
N ALA A 146 15.33 -5.14 -22.48
CA ALA A 146 15.48 -4.67 -23.85
C ALA A 146 14.14 -4.75 -24.57
N GLY A 147 13.68 -3.61 -25.09
CA GLY A 147 12.40 -3.56 -25.78
C GLY A 147 11.20 -3.58 -24.86
N LEU A 148 11.39 -3.36 -23.56
CA LEU A 148 10.29 -3.33 -22.61
C LEU A 148 10.31 -2.02 -21.84
N ASP A 149 9.14 -1.64 -21.32
CA ASP A 149 9.02 -0.43 -20.52
C ASP A 149 9.18 -0.80 -19.05
N PRO A 150 10.29 -0.45 -18.41
CA PRO A 150 10.49 -0.78 -16.99
C PRO A 150 9.91 0.23 -16.01
N VAL A 151 9.30 1.32 -16.51
CA VAL A 151 8.89 2.40 -15.61
C VAL A 151 7.83 1.94 -14.61
N PRO A 152 6.76 1.24 -14.99
CA PRO A 152 5.80 0.78 -13.97
C PRO A 152 6.41 -0.10 -12.91
N LEU A 153 7.39 -0.94 -13.28
CA LEU A 153 8.06 -1.78 -12.28
C LEU A 153 8.94 -0.94 -11.36
N LEU A 154 9.67 0.03 -11.91
CA LEU A 154 10.53 0.87 -11.09
C LEU A 154 9.72 1.65 -10.06
N GLU A 155 8.51 2.12 -10.43
CA GLU A 155 7.70 2.85 -9.47
C GLU A 155 7.07 1.92 -8.43
N ASP A 156 6.76 0.69 -8.83
CA ASP A 156 6.21 -0.27 -7.87
C ASP A 156 7.27 -0.76 -6.90
N THR A 157 8.56 -0.63 -7.25
CA THR A 157 9.65 -0.99 -6.36
C THR A 157 10.29 0.20 -5.67
N GLY A 158 9.79 1.41 -5.93
CA GLY A 158 10.36 2.60 -5.32
C GLY A 158 11.72 2.98 -5.85
N LEU A 159 12.01 2.67 -7.11
CA LEU A 159 13.32 2.93 -7.70
C LEU A 159 13.22 3.77 -8.97
N TYR A 160 12.11 4.49 -9.16
CA TYR A 160 11.93 5.26 -10.38
C TYR A 160 13.00 6.34 -10.52
N ASP A 161 13.26 7.08 -9.45
CA ASP A 161 14.23 8.18 -9.52
C ASP A 161 15.64 7.67 -9.80
N GLU A 162 15.97 6.45 -9.38
CA GLU A 162 17.28 5.88 -9.59
C GLU A 162 17.37 5.00 -10.83
N GLY A 163 16.29 4.87 -11.59
CA GLY A 163 16.29 4.02 -12.78
C GLY A 163 15.78 4.69 -14.04
C LEU B 1 8.99 -8.23 47.54
N THR B 2 8.66 -6.94 47.62
CA THR B 2 7.70 -6.36 46.69
C THR B 2 8.27 -6.21 45.29
N ASP B 3 9.60 -6.19 45.14
CA ASP B 3 10.22 -6.29 43.83
C ASP B 3 9.84 -7.60 43.16
N THR B 4 9.94 -8.71 43.90
CA THR B 4 9.54 -10.01 43.37
C THR B 4 8.04 -10.04 43.07
N ASP B 5 7.24 -9.35 43.89
CA ASP B 5 5.82 -9.24 43.61
C ASP B 5 5.58 -8.46 42.32
N ARG B 6 6.36 -7.41 42.08
CA ARG B 6 6.22 -6.64 40.85
C ARG B 6 6.63 -7.46 39.64
N SER B 7 7.72 -8.21 39.74
CA SER B 7 8.18 -9.03 38.63
C SER B 7 7.16 -10.11 38.28
N GLU B 8 6.60 -10.76 39.30
CA GLU B 8 5.59 -11.79 39.05
C GLU B 8 4.33 -11.18 38.42
N ASP B 9 3.90 -10.02 38.91
CA ASP B 9 2.77 -9.33 38.31
C ASP B 9 3.08 -8.91 36.89
N PHE B 10 4.29 -8.38 36.66
CA PHE B 10 4.69 -7.95 35.32
C PHE B 10 4.71 -9.12 34.36
N LEU B 11 5.40 -10.21 34.73
CA LEU B 11 5.50 -11.36 33.83
C LEU B 11 4.15 -12.01 33.59
N ARG B 12 3.24 -11.94 34.56
CA ARG B 12 1.93 -12.54 34.36
C ARG B 12 1.13 -11.77 33.32
N ARG B 13 1.17 -10.44 33.36
CA ARG B 13 0.45 -9.68 32.36
C ARG B 13 1.05 -9.85 30.97
N VAL B 14 2.37 -9.96 30.90
CA VAL B 14 3.02 -10.17 29.61
C VAL B 14 2.63 -11.53 29.04
N ARG B 15 2.59 -12.55 29.89
CA ARG B 15 2.26 -13.89 29.42
C ARG B 15 0.79 -14.01 29.05
N GLY B 16 -0.06 -13.16 29.63
CA GLY B 16 -1.46 -13.12 29.27
C GLY B 16 -1.78 -12.37 27.99
N LEU B 17 -0.79 -11.78 27.34
CA LEU B 17 -1.04 -11.05 26.10
C LEU B 17 -1.46 -12.03 25.01
N LYS B 18 -2.43 -11.62 24.19
CA LYS B 18 -2.89 -12.40 23.06
C LYS B 18 -2.64 -11.60 21.79
N ALA B 19 -1.46 -11.76 21.21
CA ALA B 19 -1.15 -11.10 19.95
C ALA B 19 -1.92 -11.75 18.81
N ALA B 20 -2.25 -10.94 17.80
CA ALA B 20 -2.82 -11.50 16.58
C ALA B 20 -1.85 -12.50 15.97
N ARG B 21 -2.41 -13.49 15.29
CA ARG B 21 -1.66 -14.61 14.75
C ARG B 21 -1.63 -14.55 13.23
N THR B 22 -0.46 -14.86 12.66
CA THR B 22 -0.39 -15.24 11.26
C THR B 22 -0.50 -16.76 11.19
N ALA B 23 -0.35 -17.29 9.98
CA ALA B 23 -0.38 -18.74 9.81
C ALA B 23 0.78 -19.41 10.54
N ASN B 24 1.92 -18.74 10.62
CA ASN B 24 3.13 -19.33 11.20
C ASN B 24 3.71 -18.49 12.33
N GLY B 25 2.85 -17.98 13.21
CA GLY B 25 3.32 -17.33 14.41
C GLY B 25 2.67 -15.99 14.68
N PRO B 26 2.90 -15.45 15.88
CA PRO B 26 2.27 -14.19 16.27
C PRO B 26 2.93 -12.98 15.62
N ARG B 27 2.12 -11.96 15.38
CA ARG B 27 2.64 -10.68 14.91
C ARG B 27 3.50 -10.04 15.99
N LEU B 28 4.46 -9.23 15.56
CA LEU B 28 5.53 -8.78 16.45
C LEU B 28 5.31 -7.40 17.04
N TYR B 29 4.11 -6.82 16.88
CA TYR B 29 3.87 -5.47 17.37
C TYR B 29 4.13 -5.36 18.86
N GLN B 30 3.53 -6.24 19.66
CA GLN B 30 3.62 -6.16 21.11
C GLN B 30 5.01 -6.49 21.64
N PRO B 31 5.69 -7.54 21.17
CA PRO B 31 7.06 -7.77 21.68
C PRO B 31 8.05 -6.70 21.27
N ILE B 32 7.94 -6.13 20.07
CA ILE B 32 8.87 -5.08 19.68
C ILE B 32 8.66 -3.83 20.51
N THR B 33 7.39 -3.46 20.74
CA THR B 33 7.10 -2.32 21.62
C THR B 33 7.66 -2.53 23.02
N LEU B 34 7.45 -3.72 23.59
CA LEU B 34 7.90 -3.97 24.95
C LEU B 34 9.42 -3.90 25.07
N LEU B 35 10.13 -4.52 24.12
CA LEU B 35 11.59 -4.52 24.21
C LEU B 35 12.16 -3.12 24.01
N TRP B 36 11.50 -2.29 23.20
CA TRP B 36 11.85 -0.88 23.13
C TRP B 36 11.74 -0.21 24.48
N ALA B 37 10.62 -0.43 25.18
CA ALA B 37 10.43 0.15 26.50
C ALA B 37 11.41 -0.44 27.51
N VAL B 38 11.73 -1.72 27.38
CA VAL B 38 12.67 -2.35 28.30
C VAL B 38 14.04 -1.70 28.17
N GLY B 39 14.50 -1.48 26.94
CA GLY B 39 15.77 -0.83 26.73
C GLY B 39 15.80 0.58 27.31
N ARG B 40 14.72 1.34 27.11
CA ARG B 40 14.67 2.70 27.63
C ARG B 40 14.63 2.71 29.15
N ALA B 41 13.92 1.75 29.76
CA ALA B 41 13.92 1.65 31.22
C ALA B 41 15.29 1.32 31.75
N ARG B 42 16.00 0.38 31.10
CA ARG B 42 17.35 0.03 31.52
C ARG B 42 18.28 1.23 31.53
N ARG B 43 18.21 2.07 30.50
CA ARG B 43 19.08 3.22 30.41
C ARG B 43 18.60 4.40 31.25
N GLY B 44 17.48 4.25 31.96
CA GLY B 44 16.99 5.32 32.82
C GLY B 44 16.45 6.51 32.07
N GLU B 45 15.99 6.31 30.84
CA GLU B 45 15.44 7.40 30.06
C GLU B 45 14.05 7.78 30.57
N ALA B 46 13.52 8.87 30.04
CA ALA B 46 12.22 9.36 30.46
C ALA B 46 11.16 8.29 30.21
N ARG B 47 10.41 7.95 31.25
CA ARG B 47 9.40 6.90 31.12
C ARG B 47 8.33 7.27 30.09
N THR B 48 7.74 8.45 30.21
CA THR B 48 6.69 8.90 29.31
C THR B 48 7.26 9.73 28.17
N LEU B 49 6.73 9.51 26.97
CA LEU B 49 7.14 10.23 25.77
C LEU B 49 5.91 10.73 25.04
N ALA B 50 6.06 11.86 24.35
CA ALA B 50 4.99 12.36 23.50
C ALA B 50 4.71 11.35 22.39
N TRP B 51 3.47 11.40 21.87
CA TRP B 51 3.07 10.39 20.89
C TRP B 51 3.90 10.47 19.62
N ALA B 52 4.20 11.68 19.14
CA ALA B 52 4.96 11.82 17.91
C ALA B 52 6.30 11.11 18.00
N ASP B 53 6.97 11.22 19.15
CA ASP B 53 8.25 10.54 19.34
C ASP B 53 8.06 9.05 19.56
N THR B 54 7.00 8.66 20.27
CA THR B 54 6.71 7.24 20.46
C THR B 54 6.37 6.58 19.13
N ASP B 55 5.51 7.21 18.34
CA ASP B 55 5.14 6.69 17.04
C ASP B 55 6.36 6.52 16.13
N GLU B 56 7.24 7.51 16.11
CA GLU B 56 8.41 7.44 15.24
C GLU B 56 9.38 6.36 15.70
N ALA B 57 9.61 6.25 17.01
CA ALA B 57 10.60 5.30 17.51
C ALA B 57 10.12 3.87 17.33
N ILE B 58 8.88 3.56 17.74
CA ILE B 58 8.37 2.21 17.57
C ILE B 58 8.21 1.89 16.09
N GLY B 59 7.68 2.85 15.33
CA GLY B 59 7.48 2.63 13.90
C GLY B 59 8.74 2.23 13.18
N ALA B 60 9.87 2.86 13.51
CA ALA B 60 11.14 2.52 12.86
C ALA B 60 11.56 1.09 13.19
N LEU B 61 11.31 0.65 14.42
CA LEU B 61 11.59 -0.73 14.78
C LEU B 61 10.64 -1.70 14.08
N LEU B 62 9.38 -1.29 13.93
CA LEU B 62 8.42 -2.09 13.18
C LEU B 62 8.89 -2.33 11.74
N LYS B 63 9.31 -1.25 11.07
CA LYS B 63 9.77 -1.35 9.69
C LYS B 63 11.03 -2.18 9.59
N ARG B 64 12.00 -1.95 10.49
CA ARG B 64 13.29 -2.60 10.36
C ARG B 64 13.22 -4.08 10.71
N HIS B 65 12.41 -4.43 11.71
CA HIS B 65 12.42 -5.78 12.26
C HIS B 65 11.08 -6.52 12.11
N GLY B 66 10.17 -6.01 11.28
CA GLY B 66 8.89 -6.68 11.08
C GLY B 66 8.94 -7.92 10.22
N ALA B 67 9.47 -9.01 10.77
CA ALA B 67 9.74 -10.22 9.99
C ALA B 67 8.48 -10.98 9.59
N ARG B 68 7.33 -10.66 10.16
CA ARG B 68 6.07 -11.30 9.77
C ARG B 68 5.14 -10.30 9.08
N GLY B 69 5.73 -9.35 8.35
CA GLY B 69 4.98 -8.40 7.56
C GLY B 69 4.37 -7.25 8.33
N GLU B 70 4.90 -6.91 9.50
CA GLU B 70 4.36 -5.81 10.28
C GLU B 70 4.46 -4.50 9.50
N ARG B 71 3.40 -3.68 9.57
CA ARG B 71 3.47 -2.30 9.11
C ARG B 71 3.87 -1.38 10.26
N PRO B 72 4.41 -0.20 9.95
CA PRO B 72 4.76 0.75 11.02
C PRO B 72 3.55 1.42 11.67
N ARG B 73 2.82 0.67 12.50
CA ARG B 73 1.60 1.17 13.14
C ARG B 73 1.67 0.88 14.63
N PRO B 74 2.34 1.73 15.39
CA PRO B 74 2.45 1.53 16.85
C PRO B 74 1.14 1.68 17.59
N ASP B 75 0.09 2.24 16.98
CA ASP B 75 -1.17 2.39 17.70
C ASP B 75 -1.74 1.05 18.12
N TYR B 76 -1.56 0.00 17.31
CA TYR B 76 -2.06 -1.32 17.69
C TYR B 76 -1.44 -1.81 19.00
N PRO B 77 -0.11 -2.01 19.11
CA PRO B 77 0.42 -2.57 20.36
C PRO B 77 0.27 -1.64 21.55
N VAL B 78 0.32 -0.32 21.34
CA VAL B 78 0.16 0.60 22.46
C VAL B 78 -1.22 0.44 23.09
N LEU B 79 -2.27 0.34 22.27
CA LEU B 79 -3.60 0.13 22.80
C LEU B 79 -3.73 -1.22 23.48
N ALA B 80 -3.13 -2.26 22.91
CA ALA B 80 -3.19 -3.58 23.50
C ALA B 80 -2.43 -3.63 24.82
N LEU B 81 -1.27 -3.00 24.88
CA LEU B 81 -0.51 -2.98 26.13
C LEU B 81 -1.20 -2.15 27.19
N HIS B 82 -1.94 -1.10 26.79
CA HIS B 82 -2.70 -0.33 27.77
C HIS B 82 -3.83 -1.15 28.36
N ARG B 83 -4.55 -1.90 27.52
CA ARG B 83 -5.65 -2.73 28.02
C ARG B 83 -5.14 -3.81 28.97
N ALA B 84 -3.91 -4.27 28.77
CA ALA B 84 -3.32 -5.27 29.67
C ALA B 84 -2.80 -4.66 30.97
N GLY B 85 -2.88 -3.35 31.14
CA GLY B 85 -2.33 -2.73 32.31
C GLY B 85 -0.82 -2.59 32.31
N LEU B 86 -0.20 -2.69 31.14
CA LEU B 86 1.25 -2.56 31.01
C LEU B 86 1.68 -1.18 30.54
N TRP B 87 0.75 -0.37 30.03
CA TRP B 87 1.05 0.89 29.39
C TRP B 87 0.10 1.95 29.91
N THR B 88 0.62 3.15 30.16
CA THR B 88 -0.19 4.27 30.61
C THR B 88 -0.30 5.31 29.50
N LEU B 89 -1.47 5.93 29.39
CA LEU B 89 -1.70 7.03 28.47
C LEU B 89 -2.35 8.17 29.23
N GLU B 90 -1.77 9.37 29.10
CA GLU B 90 -2.26 10.55 29.81
C GLU B 90 -2.41 11.69 28.83
N GLY B 91 -3.34 12.59 29.13
CA GLY B 91 -3.58 13.75 28.30
C GLY B 91 -4.64 13.56 27.24
N HIS B 92 -5.50 12.55 27.38
CA HIS B 92 -6.54 12.26 26.41
C HIS B 92 -7.90 12.43 27.06
N VAL B 93 -8.87 12.82 26.25
CA VAL B 93 -10.26 12.86 26.69
C VAL B 93 -10.91 11.51 26.44
N GLY B 94 -11.90 11.18 27.26
CA GLY B 94 -12.68 9.98 27.06
C GLY B 94 -11.93 8.69 27.36
N GLU B 95 -12.51 7.59 26.88
CA GLU B 95 -11.97 6.26 27.12
C GLU B 95 -10.98 5.86 26.04
N VAL B 96 -10.04 4.99 26.40
CA VAL B 96 -9.04 4.49 25.47
C VAL B 96 -9.66 3.36 24.66
N PRO B 97 -9.58 3.40 23.32
CA PRO B 97 -10.17 2.33 22.51
C PRO B 97 -9.35 1.05 22.57
N THR B 98 -10.00 -0.05 22.20
CA THR B 98 -9.28 -1.30 22.02
C THR B 98 -8.48 -1.28 20.72
N ALA B 99 -7.56 -2.21 20.59
CA ALA B 99 -6.75 -2.34 19.37
C ALA B 99 -7.51 -3.05 18.24
N HIS B 100 -8.80 -2.83 18.13
CA HIS B 100 -9.64 -3.46 17.12
C HIS B 100 -10.06 -2.41 16.10
N GLY B 101 -9.82 -2.69 14.82
CA GLY B 101 -10.12 -1.76 13.74
C GLY B 101 -8.88 -1.37 12.98
N ASP B 102 -8.85 -0.12 12.50
CA ASP B 102 -7.71 0.39 11.77
C ASP B 102 -7.63 1.91 11.78
N SER B 103 -8.41 2.56 10.90
CA SER B 103 -8.25 4.01 10.72
C SER B 103 -8.65 4.78 11.96
N ALA B 104 -9.67 4.32 12.69
CA ALA B 104 -10.09 5.01 13.89
C ALA B 104 -9.02 4.97 14.97
N LEU B 105 -8.22 3.90 15.00
CA LEU B 105 -7.14 3.82 15.98
C LEU B 105 -6.06 4.87 15.70
N ARG B 106 -5.65 4.98 14.44
CA ARG B 106 -4.67 5.99 14.06
C ARG B 106 -5.19 7.40 14.32
N ASN B 107 -6.46 7.64 14.00
CA ASN B 107 -7.03 8.96 14.18
C ASN B 107 -7.16 9.34 15.65
N TRP B 108 -7.41 8.35 16.53
CA TRP B 108 -7.53 8.65 17.95
C TRP B 108 -6.22 9.17 18.51
N PHE B 109 -5.11 8.54 18.13
CA PHE B 109 -3.80 9.01 18.61
C PHE B 109 -3.47 10.36 17.99
N ALA B 110 -3.86 10.59 16.74
CA ALA B 110 -3.59 11.88 16.11
C ALA B 110 -4.39 13.00 16.77
N GLU B 111 -5.62 12.72 17.18
CA GLU B 111 -6.45 13.74 17.80
C GLU B 111 -6.11 13.92 19.27
N GLN B 112 -5.93 12.82 20.00
CA GLN B 112 -5.70 12.92 21.44
C GLN B 112 -4.25 13.23 21.79
N ARG B 113 -3.30 12.79 20.93
CA ARG B 113 -1.86 12.93 21.17
C ARG B 113 -1.48 12.61 22.60
N PRO B 114 -1.82 11.43 23.11
CA PRO B 114 -1.53 11.14 24.52
C PRO B 114 -0.05 11.01 24.75
N VAL B 115 0.38 11.36 25.95
CA VAL B 115 1.74 11.13 26.40
C VAL B 115 1.71 9.89 27.25
N GLY B 116 2.71 9.02 27.12
CA GLY B 116 2.68 7.80 27.89
C GLY B 116 3.90 6.93 27.67
N GLY B 117 3.80 5.73 28.22
CA GLY B 117 4.88 4.76 28.17
C GLY B 117 4.58 3.60 29.09
N LEU B 118 5.58 2.73 29.25
CA LEU B 118 5.45 1.61 30.17
C LEU B 118 5.05 2.08 31.56
N ALA B 119 4.19 1.30 32.21
CA ALA B 119 3.65 1.69 33.51
C ALA B 119 4.78 1.90 34.53
N GLU B 120 4.59 2.91 35.38
CA GLU B 120 5.64 3.32 36.32
C GLU B 120 6.18 2.21 37.20
N PRO B 121 5.36 1.35 37.82
CA PRO B 121 5.96 0.29 38.67
C PRO B 121 6.84 -0.66 37.88
N PHE B 122 6.48 -0.95 36.63
CA PHE B 122 7.29 -1.86 35.83
C PHE B 122 8.52 -1.17 35.25
N HIS B 123 8.37 0.08 34.82
CA HIS B 123 9.51 0.86 34.35
C HIS B 123 10.57 0.96 35.43
N ASP B 124 10.16 1.35 36.64
CA ASP B 124 11.11 1.44 37.75
C ASP B 124 11.73 0.08 38.05
N LEU B 125 10.93 -0.98 38.03
CA LEU B 125 11.45 -2.32 38.30
C LEU B 125 12.55 -2.70 37.30
N LEU B 126 12.27 -2.53 36.01
CA LEU B 126 13.23 -2.93 35.00
C LEU B 126 14.45 -2.02 34.97
N HIS B 127 14.32 -0.79 35.47
CA HIS B 127 15.50 0.07 35.59
C HIS B 127 16.47 -0.46 36.64
N ARG B 128 15.95 -0.94 37.77
CA ARG B 128 16.80 -1.38 38.87
C ARG B 128 17.19 -2.85 38.78
N SER B 129 16.34 -3.71 38.24
CA SER B 129 16.51 -5.16 38.33
C SER B 129 16.92 -5.73 36.98
N GLY B 130 18.19 -6.12 36.87
CA GLY B 130 18.65 -6.81 35.68
C GLY B 130 18.07 -8.21 35.52
N HIS B 131 17.73 -8.86 36.64
CA HIS B 131 17.12 -10.18 36.57
C HIS B 131 15.73 -10.11 35.98
N SER B 132 14.97 -9.06 36.31
CA SER B 132 13.64 -8.88 35.72
C SER B 132 13.73 -8.63 34.22
N ARG B 133 14.74 -7.88 33.77
CA ARG B 133 14.91 -7.65 32.35
C ARG B 133 15.20 -8.94 31.61
N VAL B 134 16.15 -9.74 32.12
CA VAL B 134 16.49 -11.01 31.48
C VAL B 134 15.26 -11.91 31.44
N SER B 135 14.46 -11.91 32.50
CA SER B 135 13.28 -12.76 32.55
C SER B 135 12.29 -12.41 31.45
N VAL B 136 11.97 -11.12 31.29
CA VAL B 136 10.95 -10.75 30.31
C VAL B 136 11.50 -10.87 28.89
N ILE B 137 12.80 -10.62 28.69
CA ILE B 137 13.39 -10.77 27.36
C ILE B 137 13.33 -12.23 26.92
N GLU B 138 13.74 -13.14 27.80
CA GLU B 138 13.69 -14.57 27.48
C GLU B 138 12.25 -15.01 27.19
N ALA B 139 11.30 -14.53 27.99
CA ALA B 139 9.90 -14.89 27.76
C ALA B 139 9.41 -14.38 26.42
N LEU B 140 9.77 -13.14 26.06
CA LEU B 140 9.31 -12.57 24.80
C LEU B 140 9.98 -13.26 23.61
N LEU B 141 11.27 -13.58 23.73
CA LEU B 141 11.95 -14.27 22.62
C LEU B 141 11.39 -15.68 22.44
N THR B 142 11.06 -16.36 23.53
CA THR B 142 10.48 -17.69 23.43
C THR B 142 9.13 -17.64 22.72
N THR B 143 8.25 -16.73 23.15
CA THR B 143 6.90 -16.68 22.60
C THR B 143 6.87 -16.19 21.16
N TYR B 144 7.64 -15.14 20.84
CA TYR B 144 7.41 -14.42 19.60
C TYR B 144 8.48 -14.59 18.54
N PHE B 145 9.68 -15.06 18.90
CA PHE B 145 10.77 -15.13 17.94
C PHE B 145 11.24 -16.55 17.69
N ALA B 146 10.33 -17.51 17.80
CA ALA B 146 10.63 -18.88 17.39
C ALA B 146 10.90 -18.91 15.89
N GLY B 147 12.07 -19.41 15.52
CA GLY B 147 12.47 -19.44 14.12
C GLY B 147 12.89 -18.12 13.54
N LEU B 148 13.13 -17.11 14.38
CA LEU B 148 13.56 -15.79 13.92
C LEU B 148 14.83 -15.41 14.65
N ASP B 149 15.60 -14.51 14.04
CA ASP B 149 16.83 -14.01 14.63
C ASP B 149 16.52 -12.72 15.40
N PRO B 150 16.55 -12.72 16.73
CA PRO B 150 16.23 -11.49 17.48
C PRO B 150 17.41 -10.56 17.68
N VAL B 151 18.60 -10.93 17.20
CA VAL B 151 19.80 -10.15 17.52
C VAL B 151 19.73 -8.72 16.99
N PRO B 152 19.35 -8.46 15.73
CA PRO B 152 19.25 -7.05 15.29
C PRO B 152 18.28 -6.22 16.12
N LEU B 153 17.18 -6.80 16.56
CA LEU B 153 16.24 -6.06 17.40
C LEU B 153 16.83 -5.83 18.79
N LEU B 154 17.51 -6.84 19.35
CA LEU B 154 18.16 -6.68 20.65
C LEU B 154 19.21 -5.58 20.61
N GLU B 155 19.94 -5.48 19.50
CA GLU B 155 20.99 -4.47 19.39
C GLU B 155 20.39 -3.08 19.18
N ASP B 156 19.24 -2.99 18.53
CA ASP B 156 18.59 -1.69 18.34
C ASP B 156 17.97 -1.18 19.62
N THR B 157 17.69 -2.06 20.58
CA THR B 157 17.12 -1.67 21.87
C THR B 157 18.17 -1.62 22.98
N GLY B 158 19.42 -1.95 22.67
CA GLY B 158 20.45 -1.98 23.69
C GLY B 158 20.34 -3.12 24.67
N LEU B 159 19.82 -4.26 24.25
CA LEU B 159 19.61 -5.39 25.14
C LEU B 159 20.31 -6.66 24.64
N TYR B 160 21.31 -6.50 23.77
CA TYR B 160 22.00 -7.66 23.21
C TYR B 160 22.67 -8.49 24.30
N ASP B 161 23.39 -7.83 25.22
CA ASP B 161 24.14 -8.56 26.23
C ASP B 161 23.22 -9.32 27.18
N GLU B 162 21.99 -8.83 27.39
CA GLU B 162 21.05 -9.48 28.30
C GLU B 162 20.08 -10.41 27.57
N GLY B 163 20.21 -10.56 26.25
CA GLY B 163 19.30 -11.42 25.50
C GLY B 163 19.99 -12.45 24.63
CA LEU C 1 -38.52 -3.80 -22.87
C LEU C 1 -37.20 -3.18 -22.42
N THR C 2 -36.24 -3.10 -23.35
CA THR C 2 -34.91 -2.62 -22.99
C THR C 2 -34.88 -1.13 -22.74
N ASP C 3 -35.90 -0.36 -23.17
CA ASP C 3 -36.00 1.01 -22.68
C ASP C 3 -36.06 1.03 -21.16
N THR C 4 -36.96 0.24 -20.58
CA THR C 4 -37.05 0.16 -19.13
C THR C 4 -35.84 -0.57 -18.54
N ASP C 5 -35.35 -1.61 -19.22
CA ASP C 5 -34.17 -2.34 -18.74
C ASP C 5 -32.93 -1.47 -18.77
N ARG C 6 -32.71 -0.74 -19.86
CA ARG C 6 -31.55 0.13 -19.95
C ARG C 6 -31.68 1.31 -18.99
N SER C 7 -32.90 1.83 -18.82
CA SER C 7 -33.11 2.94 -17.88
C SER C 7 -32.74 2.52 -16.45
N GLU C 8 -33.16 1.33 -16.03
CA GLU C 8 -32.78 0.84 -14.71
C GLU C 8 -31.27 0.63 -14.60
N ASP C 9 -30.67 0.08 -15.64
CA ASP C 9 -29.22 -0.09 -15.66
C ASP C 9 -28.50 1.25 -15.61
N PHE C 10 -29.00 2.23 -16.36
CA PHE C 10 -28.41 3.57 -16.38
C PHE C 10 -28.48 4.23 -15.00
N LEU C 11 -29.68 4.27 -14.40
CA LEU C 11 -29.86 4.95 -13.13
C LEU C 11 -29.09 4.28 -12.00
N ARG C 12 -28.93 2.95 -12.06
CA ARG C 12 -28.17 2.26 -11.03
C ARG C 12 -26.69 2.61 -11.10
N ARG C 13 -26.13 2.71 -12.31
CA ARG C 13 -24.73 3.12 -12.44
C ARG C 13 -24.54 4.55 -11.96
N VAL C 14 -25.52 5.42 -12.21
CA VAL C 14 -25.43 6.81 -11.75
C VAL C 14 -25.46 6.87 -10.23
N ARG C 15 -26.31 6.05 -9.60
CA ARG C 15 -26.45 6.10 -8.14
C ARG C 15 -25.23 5.53 -7.42
N GLY C 16 -24.47 4.65 -8.07
CA GLY C 16 -23.26 4.10 -7.49
C GLY C 16 -22.03 4.98 -7.56
N LEU C 17 -22.15 6.17 -8.16
CA LEU C 17 -21.01 7.07 -8.27
C LEU C 17 -20.60 7.60 -6.89
N LYS C 18 -19.32 7.66 -6.69
CA LYS C 18 -18.81 8.27 -5.50
C LYS C 18 -18.06 9.57 -5.88
N ALA C 19 -18.69 10.72 -5.77
CA ALA C 19 -18.03 11.99 -6.02
C ALA C 19 -17.13 12.37 -4.84
N ALA C 20 -16.04 13.08 -5.14
CA ALA C 20 -15.23 13.65 -4.09
C ALA C 20 -16.05 14.64 -3.27
N ARG C 21 -15.69 14.79 -2.00
CA ARG C 21 -16.46 15.58 -1.06
C ARG C 21 -15.67 16.83 -0.66
N THR C 22 -16.37 17.96 -0.60
CA THR C 22 -15.85 19.12 0.11
C THR C 22 -16.44 19.10 1.53
N ALA C 23 -16.13 20.12 2.33
CA ALA C 23 -16.68 20.20 3.67
C ALA C 23 -18.19 20.30 3.66
N ASN C 24 -18.77 20.94 2.64
CA ASN C 24 -20.20 21.22 2.60
C ASN C 24 -20.87 20.63 1.36
N GLY C 25 -20.49 19.41 0.98
CA GLY C 25 -21.18 18.72 -0.08
C GLY C 25 -20.26 18.12 -1.13
N PRO C 26 -20.83 17.31 -2.02
CA PRO C 26 -20.01 16.65 -3.04
C PRO C 26 -19.60 17.61 -4.15
N ARG C 27 -18.42 17.36 -4.71
CA ARG C 27 -17.97 18.12 -5.86
C ARG C 27 -18.85 17.82 -7.06
N LEU C 28 -18.94 18.81 -7.95
CA LEU C 28 -19.94 18.84 -9.01
C LEU C 28 -19.42 18.38 -10.37
N TYR C 29 -18.20 17.82 -10.41
CA TYR C 29 -17.61 17.39 -11.68
C TYR C 29 -18.50 16.40 -12.41
N GLN C 30 -18.90 15.34 -11.70
CA GLN C 30 -19.64 14.26 -12.35
C GLN C 30 -21.06 14.67 -12.74
N PRO C 31 -21.84 15.36 -11.89
CA PRO C 31 -23.19 15.76 -12.34
C PRO C 31 -23.18 16.77 -13.47
N ILE C 32 -22.22 17.69 -13.49
CA ILE C 32 -22.18 18.67 -14.57
C ILE C 32 -21.83 18.00 -15.89
N THR C 33 -20.85 17.08 -15.86
CA THR C 33 -20.56 16.30 -17.06
C THR C 33 -21.78 15.55 -17.54
N LEU C 34 -22.49 14.89 -16.64
CA LEU C 34 -23.65 14.08 -17.03
C LEU C 34 -24.76 14.96 -17.60
N LEU C 35 -25.07 16.08 -16.96
CA LEU C 35 -26.15 16.93 -17.44
C LEU C 35 -25.82 17.55 -18.79
N TRP C 36 -24.54 17.84 -19.04
CA TRP C 36 -24.11 18.25 -20.37
C TRP C 36 -24.42 17.16 -21.39
N ALA C 37 -24.09 15.90 -21.07
CA ALA C 37 -24.36 14.81 -21.98
C ALA C 37 -25.85 14.56 -22.16
N VAL C 38 -26.64 14.74 -21.09
CA VAL C 38 -28.08 14.53 -21.19
C VAL C 38 -28.71 15.55 -22.13
N GLY C 39 -28.33 16.82 -21.99
CA GLY C 39 -28.86 17.84 -22.89
C GLY C 39 -28.51 17.58 -24.34
N ARG C 40 -27.27 17.17 -24.60
CA ARG C 40 -26.86 16.88 -25.97
C ARG C 40 -27.58 15.66 -26.52
N ALA C 41 -27.79 14.65 -25.68
CA ALA C 41 -28.57 13.49 -26.11
C ALA C 41 -30.02 13.88 -26.40
N ARG C 42 -30.59 14.74 -25.55
CA ARG C 42 -31.96 15.19 -25.76
C ARG C 42 -32.10 15.86 -27.12
N ARG C 43 -31.15 16.71 -27.49
CA ARG C 43 -31.23 17.45 -28.75
C ARG C 43 -30.77 16.61 -29.94
N GLY C 44 -30.39 15.36 -29.73
CA GLY C 44 -29.98 14.50 -30.83
C GLY C 44 -28.64 14.86 -31.44
N GLU C 45 -27.75 15.48 -30.67
CA GLU C 45 -26.43 15.83 -31.16
C GLU C 45 -25.53 14.59 -31.22
N ALA C 46 -24.36 14.78 -31.83
CA ALA C 46 -23.40 13.69 -32.01
C ALA C 46 -22.96 13.13 -30.66
N ARG C 47 -23.07 11.80 -30.52
CA ARG C 47 -22.75 11.15 -29.26
C ARG C 47 -21.29 11.37 -28.87
N THR C 48 -20.37 11.05 -29.76
CA THR C 48 -18.94 11.12 -29.51
C THR C 48 -18.35 12.45 -30.00
N LEU C 49 -17.47 13.02 -29.20
CA LEU C 49 -16.79 14.27 -29.52
C LEU C 49 -15.29 14.10 -29.30
N ALA C 50 -14.50 14.82 -30.09
CA ALA C 50 -13.06 14.84 -29.88
C ALA C 50 -12.75 15.43 -28.50
N TRP C 51 -11.60 15.06 -27.95
CA TRP C 51 -11.29 15.49 -26.59
C TRP C 51 -11.16 17.01 -26.49
N ALA C 52 -10.55 17.64 -27.50
CA ALA C 52 -10.37 19.09 -27.47
C ALA C 52 -11.71 19.80 -27.32
N ASP C 53 -12.74 19.32 -28.01
CA ASP C 53 -14.06 19.92 -27.91
C ASP C 53 -14.75 19.50 -26.61
N THR C 54 -14.54 18.27 -26.16
CA THR C 54 -15.10 17.83 -24.89
C THR C 54 -14.50 18.60 -23.73
N ASP C 55 -13.17 18.73 -23.73
CA ASP C 55 -12.49 19.47 -22.67
C ASP C 55 -12.97 20.92 -22.60
N GLU C 56 -13.14 21.57 -23.74
CA GLU C 56 -13.57 22.97 -23.75
C GLU C 56 -15.02 23.10 -23.31
N ALA C 57 -15.90 22.21 -23.77
CA ALA C 57 -17.33 22.32 -23.46
C ALA C 57 -17.59 22.08 -21.98
N ILE C 58 -17.05 20.99 -21.43
CA ILE C 58 -17.24 20.72 -20.01
C ILE C 58 -16.51 21.74 -19.17
N GLY C 59 -15.28 22.09 -19.55
CA GLY C 59 -14.51 23.07 -18.79
C GLY C 59 -15.24 24.39 -18.62
N ALA C 60 -15.91 24.85 -19.68
CA ALA C 60 -16.66 26.10 -19.58
C ALA C 60 -17.82 25.97 -18.60
N LEU C 61 -18.48 24.82 -18.57
CA LEU C 61 -19.54 24.61 -17.58
C LEU C 61 -18.96 24.49 -16.17
N LEU C 62 -17.81 23.83 -16.04
CA LEU C 62 -17.13 23.76 -14.75
C LEU C 62 -16.75 25.14 -14.25
N LYS C 63 -16.16 25.96 -15.12
CA LYS C 63 -15.77 27.31 -14.73
C LYS C 63 -16.99 28.14 -14.35
N ARG C 64 -18.05 28.09 -15.16
CA ARG C 64 -19.21 28.94 -14.93
C ARG C 64 -20.04 28.45 -13.75
N HIS C 65 -20.18 27.14 -13.59
CA HIS C 65 -21.11 26.57 -12.61
C HIS C 65 -20.44 25.75 -11.52
N GLY C 66 -19.11 25.83 -11.39
CA GLY C 66 -18.42 25.13 -10.33
C GLY C 66 -18.62 25.80 -8.99
N ALA C 67 -19.80 25.65 -8.40
CA ALA C 67 -20.18 26.40 -7.20
C ALA C 67 -19.42 25.96 -5.96
N ARG C 68 -18.70 24.84 -6.00
CA ARG C 68 -17.89 24.38 -4.88
C ARG C 68 -16.40 24.43 -5.21
N GLY C 69 -15.99 25.40 -6.02
CA GLY C 69 -14.59 25.61 -6.31
C GLY C 69 -13.98 24.65 -7.31
N GLU C 70 -14.78 24.04 -8.17
CA GLU C 70 -14.27 23.10 -9.16
C GLU C 70 -13.27 23.77 -10.08
N ARG C 71 -12.23 23.04 -10.45
CA ARG C 71 -11.32 23.48 -11.48
C ARG C 71 -11.85 23.09 -12.86
N PRO C 72 -11.47 23.80 -13.92
CA PRO C 72 -11.88 23.35 -15.26
C PRO C 72 -11.07 22.15 -15.70
N ARG C 73 -11.35 21.00 -15.09
CA ARG C 73 -10.60 19.77 -15.35
C ARG C 73 -11.58 18.64 -15.61
N PRO C 74 -12.08 18.52 -16.85
CA PRO C 74 -13.00 17.43 -17.18
C PRO C 74 -12.36 16.06 -17.15
N ASP C 75 -11.04 15.96 -17.08
CA ASP C 75 -10.41 14.64 -17.06
C ASP C 75 -10.83 13.84 -15.82
N TYR C 76 -11.05 14.52 -14.69
CA TYR C 76 -11.51 13.81 -13.50
C TYR C 76 -12.86 13.11 -13.73
N PRO C 77 -13.96 13.83 -14.01
CA PRO C 77 -15.25 13.12 -14.13
C PRO C 77 -15.34 12.18 -15.31
N VAL C 78 -14.70 12.49 -16.44
CA VAL C 78 -14.74 11.60 -17.60
C VAL C 78 -14.13 10.25 -17.24
N LEU C 79 -12.99 10.26 -16.58
CA LEU C 79 -12.37 9.01 -16.15
C LEU C 79 -13.24 8.28 -15.13
N ALA C 80 -13.87 9.02 -14.22
CA ALA C 80 -14.75 8.40 -13.24
C ALA C 80 -15.99 7.82 -13.90
N LEU C 81 -16.58 8.56 -14.85
CA LEU C 81 -17.76 8.04 -15.53
C LEU C 81 -17.41 6.87 -16.44
N HIS C 82 -16.18 6.85 -16.97
CA HIS C 82 -15.75 5.70 -17.76
C HIS C 82 -15.63 4.46 -16.90
N ARG C 83 -15.05 4.59 -15.71
CA ARG C 83 -14.92 3.44 -14.81
C ARG C 83 -16.28 2.89 -14.40
N ALA C 84 -17.30 3.74 -14.33
CA ALA C 84 -18.64 3.31 -13.99
C ALA C 84 -19.39 2.69 -15.16
N GLY C 85 -18.77 2.63 -16.34
CA GLY C 85 -19.43 2.11 -17.51
C GLY C 85 -20.45 3.02 -18.13
N LEU C 86 -20.41 4.33 -17.83
CA LEU C 86 -21.33 5.30 -18.39
C LEU C 86 -20.74 6.05 -19.57
N TRP C 87 -19.43 5.96 -19.77
CA TRP C 87 -18.71 6.77 -20.74
C TRP C 87 -17.79 5.86 -21.54
N THR C 88 -17.69 6.11 -22.84
CA THR C 88 -16.80 5.36 -23.71
C THR C 88 -15.65 6.26 -24.14
N LEU C 89 -14.46 5.67 -24.23
CA LEU C 89 -13.27 6.36 -24.76
C LEU C 89 -12.61 5.45 -25.78
N GLU C 90 -12.36 5.99 -26.97
CA GLU C 90 -11.77 5.24 -28.06
C GLU C 90 -10.60 6.01 -28.65
N GLY C 91 -9.64 5.27 -29.21
CA GLY C 91 -8.49 5.88 -29.82
C GLY C 91 -7.29 6.04 -28.91
N HIS C 92 -7.25 5.30 -27.80
CA HIS C 92 -6.18 5.41 -26.82
C HIS C 92 -5.42 4.09 -26.74
N VAL C 93 -4.13 4.20 -26.43
CA VAL C 93 -3.30 3.02 -26.18
C VAL C 93 -3.43 2.63 -24.72
N GLY C 94 -3.27 1.33 -24.45
CA GLY C 94 -3.26 0.86 -23.09
C GLY C 94 -4.64 0.96 -22.42
N GLU C 95 -4.61 0.87 -21.09
CA GLU C 95 -5.82 0.93 -20.28
C GLU C 95 -6.14 2.37 -19.90
N VAL C 96 -7.42 2.61 -19.63
CA VAL C 96 -7.85 3.94 -19.19
C VAL C 96 -7.56 4.08 -17.70
N PRO C 97 -6.88 5.13 -17.27
CA PRO C 97 -6.58 5.26 -15.84
C PRO C 97 -7.80 5.67 -15.04
N THR C 98 -7.73 5.41 -13.73
CA THR C 98 -8.74 5.91 -12.82
C THR C 98 -8.56 7.40 -12.59
N ALA C 99 -9.57 8.03 -12.00
CA ALA C 99 -9.53 9.46 -11.69
C ALA C 99 -8.72 9.78 -10.45
N HIS C 100 -7.60 9.09 -10.23
CA HIS C 100 -6.73 9.31 -9.08
C HIS C 100 -5.44 9.95 -9.52
N GLY C 101 -5.10 11.08 -8.89
CA GLY C 101 -3.89 11.81 -9.21
C GLY C 101 -4.19 13.21 -9.73
N ASP C 102 -3.33 13.66 -10.64
CA ASP C 102 -3.50 14.98 -11.25
C ASP C 102 -2.75 15.06 -12.57
N SER C 103 -1.42 15.25 -12.51
CA SER C 103 -0.65 15.53 -13.71
C SER C 103 -0.64 14.34 -14.65
N ALA C 104 -0.61 13.11 -14.12
CA ALA C 104 -0.64 11.94 -14.98
C ALA C 104 -1.96 11.84 -15.74
N LEU C 105 -3.05 12.31 -15.12
CA LEU C 105 -4.34 12.32 -15.81
C LEU C 105 -4.34 13.34 -16.95
N ARG C 106 -3.90 14.57 -16.66
CA ARG C 106 -3.87 15.60 -17.68
C ARG C 106 -2.94 15.23 -18.84
N ASN C 107 -1.83 14.57 -18.53
CA ASN C 107 -0.89 14.17 -19.57
C ASN C 107 -1.44 13.04 -20.43
N TRP C 108 -2.23 12.15 -19.82
CA TRP C 108 -2.81 11.03 -20.57
C TRP C 108 -3.78 11.52 -21.64
N PHE C 109 -4.66 12.46 -21.28
CA PHE C 109 -5.61 12.97 -22.27
C PHE C 109 -4.91 13.78 -23.34
N ALA C 110 -3.86 14.53 -22.98
CA ALA C 110 -3.13 15.30 -23.97
C ALA C 110 -2.39 14.39 -24.94
N GLU C 111 -1.88 13.26 -24.45
CA GLU C 111 -1.13 12.34 -25.29
C GLU C 111 -2.06 11.44 -26.10
N GLN C 112 -3.09 10.87 -25.45
CA GLN C 112 -3.96 9.93 -26.13
C GLN C 112 -5.04 10.62 -26.96
N ARG C 113 -5.46 11.81 -26.55
CA ARG C 113 -6.52 12.59 -27.18
C ARG C 113 -7.71 11.70 -27.57
N PRO C 114 -8.32 10.99 -26.62
CA PRO C 114 -9.37 10.04 -26.98
C PRO C 114 -10.64 10.74 -27.45
N VAL C 115 -11.35 10.06 -28.34
CA VAL C 115 -12.69 10.46 -28.76
C VAL C 115 -13.68 9.63 -27.98
N GLY C 116 -14.77 10.25 -27.54
CA GLY C 116 -15.73 9.52 -26.75
C GLY C 116 -16.92 10.36 -26.34
N GLY C 117 -17.70 9.79 -25.44
CA GLY C 117 -18.91 10.42 -24.97
C GLY C 117 -19.71 9.43 -24.16
N LEU C 118 -20.92 9.85 -23.78
CA LEU C 118 -21.85 8.97 -23.07
C LEU C 118 -22.05 7.68 -23.86
N ALA C 119 -22.15 6.57 -23.13
CA ALA C 119 -22.25 5.26 -23.77
C ALA C 119 -23.46 5.21 -24.70
N GLU C 120 -23.29 4.51 -25.83
CA GLU C 120 -24.30 4.46 -26.87
C GLU C 120 -25.68 4.02 -26.37
N PRO C 121 -25.82 2.95 -25.57
CA PRO C 121 -27.17 2.57 -25.11
C PRO C 121 -27.83 3.65 -24.27
N PHE C 122 -27.04 4.37 -23.46
CA PHE C 122 -27.60 5.41 -22.61
C PHE C 122 -27.89 6.69 -23.39
N HIS C 123 -27.00 7.04 -24.33
CA HIS C 123 -27.26 8.19 -25.20
C HIS C 123 -28.55 7.99 -25.97
N ASP C 124 -28.70 6.83 -26.62
CA ASP C 124 -29.92 6.55 -27.35
C ASP C 124 -31.13 6.56 -26.43
N LEU C 125 -30.99 6.00 -25.23
CA LEU C 125 -32.10 5.99 -24.28
C LEU C 125 -32.56 7.41 -23.94
N LEU C 126 -31.63 8.28 -23.59
CA LEU C 126 -32.01 9.64 -23.19
C LEU C 126 -32.49 10.48 -24.36
N HIS C 127 -32.08 10.14 -25.60
CA HIS C 127 -32.65 10.84 -26.75
C HIS C 127 -34.12 10.48 -26.93
N ARG C 128 -34.47 9.21 -26.72
CA ARG C 128 -35.80 8.72 -27.01
C ARG C 128 -36.78 8.87 -25.85
N SER C 129 -36.32 8.74 -24.61
CA SER C 129 -37.19 8.66 -23.44
C SER C 129 -37.08 9.93 -22.61
N GLY C 130 -38.14 10.76 -22.67
CA GLY C 130 -38.18 11.92 -21.80
C GLY C 130 -38.32 11.59 -20.34
N HIS C 131 -38.94 10.44 -20.02
CA HIS C 131 -39.09 10.03 -18.64
C HIS C 131 -37.75 9.64 -18.02
N SER C 132 -36.88 9.01 -18.81
CA SER C 132 -35.54 8.69 -18.31
C SER C 132 -34.75 9.96 -18.04
N ARG C 133 -34.91 10.98 -18.88
CA ARG C 133 -34.22 12.25 -18.67
C ARG C 133 -34.64 12.89 -17.35
N VAL C 134 -35.95 12.98 -17.12
CA VAL C 134 -36.45 13.60 -15.88
C VAL C 134 -35.96 12.82 -14.67
N SER C 135 -35.92 11.49 -14.78
CA SER C 135 -35.49 10.66 -13.66
C SER C 135 -34.04 10.95 -13.26
N VAL C 136 -33.13 10.98 -14.24
CA VAL C 136 -31.72 11.17 -13.91
C VAL C 136 -31.46 12.62 -13.49
N ILE C 137 -32.21 13.57 -14.06
CA ILE C 137 -32.08 14.96 -13.65
C ILE C 137 -32.49 15.12 -12.19
N GLU C 138 -33.63 14.53 -11.81
CA GLU C 138 -34.08 14.60 -10.43
C GLU C 138 -33.07 13.97 -9.48
N ALA C 139 -32.52 12.82 -9.85
CA ALA C 139 -31.56 12.14 -8.99
C ALA C 139 -30.28 12.95 -8.83
N LEU C 140 -29.79 13.54 -9.93
CA LEU C 140 -28.55 14.31 -9.86
C LEU C 140 -28.74 15.59 -9.06
N LEU C 141 -29.90 16.24 -9.20
CA LEU C 141 -30.15 17.47 -8.46
C LEU C 141 -30.27 17.18 -6.96
N THR C 142 -30.91 16.07 -6.60
CA THR C 142 -31.03 15.68 -5.20
C THR C 142 -29.68 15.37 -4.59
N THR C 143 -28.87 14.56 -5.27
CA THR C 143 -27.60 14.12 -4.70
C THR C 143 -26.61 15.28 -4.57
N TYR C 144 -26.53 16.13 -5.59
CA TYR C 144 -25.40 17.04 -5.73
C TYR C 144 -25.72 18.51 -5.50
N PHE C 145 -27.00 18.91 -5.57
CA PHE C 145 -27.33 20.33 -5.53
C PHE C 145 -28.20 20.70 -4.33
N ALA C 146 -28.03 19.98 -3.22
CA ALA C 146 -28.68 20.38 -1.97
C ALA C 146 -28.14 21.72 -1.52
N GLY C 147 -29.03 22.70 -1.37
CA GLY C 147 -28.64 24.04 -0.99
C GLY C 147 -28.01 24.87 -2.07
N LEU C 148 -28.09 24.46 -3.34
CA LEU C 148 -27.54 25.21 -4.45
C LEU C 148 -28.63 25.47 -5.48
N ASP C 149 -28.40 26.52 -6.29
CA ASP C 149 -29.34 26.88 -7.35
C ASP C 149 -28.91 26.19 -8.63
N PRO C 150 -29.64 25.19 -9.11
CA PRO C 150 -29.26 24.50 -10.35
C PRO C 150 -29.77 25.14 -11.63
N VAL C 151 -30.54 26.23 -11.53
CA VAL C 151 -31.20 26.78 -12.72
C VAL C 151 -30.20 27.28 -13.76
N PRO C 152 -29.16 28.04 -13.43
CA PRO C 152 -28.19 28.44 -14.47
C PRO C 152 -27.55 27.26 -15.18
N LEU C 153 -27.29 26.16 -14.47
CA LEU C 153 -26.71 24.99 -15.13
C LEU C 153 -27.74 24.32 -16.03
N LEU C 154 -29.00 24.21 -15.57
CA LEU C 154 -30.04 23.60 -16.40
C LEU C 154 -30.26 24.39 -17.69
N GLU C 155 -30.19 25.72 -17.61
CA GLU C 155 -30.42 26.52 -18.81
C GLU C 155 -29.25 26.44 -19.78
N ASP C 156 -28.04 26.26 -19.25
CA ASP C 156 -26.88 26.08 -20.12
C ASP C 156 -26.85 24.71 -20.77
N THR C 157 -27.56 23.73 -20.22
CA THR C 157 -27.65 22.40 -20.79
C THR C 157 -28.95 22.16 -21.54
N GLY C 158 -29.85 23.15 -21.57
CA GLY C 158 -31.12 22.99 -22.26
C GLY C 158 -32.08 22.05 -21.56
N LEU C 159 -32.01 21.94 -20.24
CA LEU C 159 -32.82 21.00 -19.48
C LEU C 159 -33.65 21.69 -18.42
N TYR C 160 -33.89 22.99 -18.55
CA TYR C 160 -34.65 23.73 -17.55
C TYR C 160 -36.07 23.18 -17.40
N ASP C 161 -36.75 22.97 -18.52
CA ASP C 161 -38.16 22.56 -18.46
C ASP C 161 -38.32 21.17 -17.84
N GLU C 162 -37.31 20.32 -17.95
CA GLU C 162 -37.37 18.98 -17.39
C GLU C 162 -36.74 18.87 -16.01
N GLY C 163 -36.29 19.97 -15.43
CA GLY C 163 -35.64 19.94 -14.13
C GLY C 163 -36.22 20.90 -13.12
#